data_1PM7
#
_entry.id   1PM7
#
_cell.length_a   66.066
_cell.length_b   66.066
_cell.length_c   87.620
_cell.angle_alpha   90.00
_cell.angle_beta   90.00
_cell.angle_gamma   120.00
#
_symmetry.space_group_name_H-M   'P 32'
#
loop_
_entity.id
_entity.type
_entity.pdbx_description
1 polymer RFBC
2 non-polymer 'ACETATE ION'
3 non-polymer GLYCEROL
4 water water
#
_entity_poly.entity_id   1
_entity_poly.type   'polypeptide(L)'
_entity_poly.pdbx_seq_one_letter_code
;MKARELDVPGAWEITPTIHVDSRGLFFEWLTDHGFRAFAGHSLDVRQVNCSVSSAGVLRGLHFAQLPPSQAKYVTCVSGS
VFDVVVDIREGSPTFGRWDSVLLDDQDRRTIYVSEGLAHGFLALQDNSTVMYLCSAEYNPQREHTICATDPTLAVDWPLV
DGAAPSLSDRDAAAPSFEDVRASGLLPRWEQTQRFIGEMRGT
;
_entity_poly.pdbx_strand_id   A,B
#
loop_
_chem_comp.id
_chem_comp.type
_chem_comp.name
_chem_comp.formula
ACT non-polymer 'ACETATE ION' 'C2 H3 O2 -1'
GOL non-polymer GLYCEROL 'C3 H8 O3'
#
# COMPACT_ATOMS: atom_id res chain seq x y z
N MET A 1 11.90 8.87 11.21
CA MET A 1 11.13 7.63 11.53
C MET A 1 11.74 6.93 12.74
N LYS A 2 11.25 5.73 13.03
CA LYS A 2 11.75 4.90 14.11
C LYS A 2 11.44 3.45 13.70
N ALA A 3 12.45 2.61 13.58
CA ALA A 3 12.25 1.16 13.42
C ALA A 3 12.85 0.48 14.64
N ARG A 4 12.05 -0.36 15.30
CA ARG A 4 12.34 -0.89 16.60
C ARG A 4 12.11 -2.42 16.50
N GLU A 5 13.19 -3.22 16.60
CA GLU A 5 13.05 -4.65 16.50
C GLU A 5 12.26 -5.10 17.69
N LEU A 6 11.31 -5.98 17.43
CA LEU A 6 10.46 -6.55 18.46
C LEU A 6 11.23 -7.59 19.25
N ASP A 7 10.58 -8.15 20.27
CA ASP A 7 11.19 -9.21 21.10
C ASP A 7 11.31 -10.54 20.36
N VAL A 8 10.56 -10.68 19.28
CA VAL A 8 10.79 -11.71 18.26
C VAL A 8 11.73 -11.12 17.21
N PRO A 9 12.97 -11.60 17.10
CA PRO A 9 13.88 -11.11 16.06
C PRO A 9 13.35 -11.34 14.65
N GLY A 10 13.53 -10.35 13.79
CA GLY A 10 13.08 -10.43 12.43
C GLY A 10 11.73 -9.78 12.22
N ALA A 11 11.18 -9.18 13.27
CA ALA A 11 9.97 -8.40 13.18
C ALA A 11 10.20 -7.04 13.82
N TRP A 12 9.64 -5.99 13.21
CA TRP A 12 9.93 -4.62 13.59
C TRP A 12 8.67 -3.71 13.66
N GLU A 13 8.66 -2.83 14.67
CA GLU A 13 7.67 -1.76 14.74
C GLU A 13 8.24 -0.49 14.14
N ILE A 14 7.52 0.03 13.15
CA ILE A 14 7.88 1.22 12.41
C ILE A 14 6.92 2.36 12.76
N THR A 15 7.48 3.50 13.17
CA THR A 15 6.74 4.75 13.34
C THR A 15 7.18 5.75 12.25
N PRO A 16 6.24 6.35 11.52
CA PRO A 16 6.63 7.29 10.45
C PRO A 16 6.84 8.69 10.98
N THR A 17 7.56 9.49 10.21
CA THR A 17 7.51 10.93 10.34
C THR A 17 6.28 11.47 9.59
N ILE A 18 5.37 12.09 10.34
CA ILE A 18 4.08 12.57 9.85
C ILE A 18 4.13 14.07 9.68
N HIS A 19 4.05 14.53 8.43
CA HIS A 19 4.00 15.95 8.10
C HIS A 19 2.56 16.41 8.17
N VAL A 20 2.29 17.40 9.01
CA VAL A 20 0.94 17.95 9.19
C VAL A 20 0.93 19.40 8.75
N ASP A 21 -0.09 19.76 8.00
CA ASP A 21 -0.27 21.12 7.53
C ASP A 21 -1.78 21.37 7.41
N SER A 22 -2.14 22.46 6.73
CA SER A 22 -3.54 22.92 6.65
C SER A 22 -4.45 22.00 5.82
N ARG A 23 -3.83 21.26 4.89
CA ARG A 23 -4.53 20.28 4.05
C ARG A 23 -4.87 18.99 4.79
N GLY A 24 -4.26 18.77 5.93
CA GLY A 24 -4.29 17.47 6.57
C GLY A 24 -2.88 16.99 6.78
N LEU A 25 -2.57 15.80 6.30
CA LEU A 25 -1.28 15.21 6.57
C LEU A 25 -0.78 14.25 5.51
N PHE A 26 0.51 14.00 5.55
CA PHE A 26 1.13 13.04 4.65
C PHE A 26 2.35 12.41 5.28
N PHE A 27 2.63 11.19 4.84
CA PHE A 27 3.87 10.52 5.18
C PHE A 27 4.24 9.47 4.16
N GLU A 28 5.53 9.13 4.17
CA GLU A 28 6.09 7.96 3.51
C GLU A 28 5.82 6.71 4.31
N TRP A 29 4.93 5.87 3.85
CA TRP A 29 4.66 4.60 4.53
C TRP A 29 5.87 3.61 4.35
N LEU A 30 6.39 3.55 3.13
CA LEU A 30 7.63 2.87 2.83
C LEU A 30 8.48 3.66 1.89
N THR A 31 9.78 3.62 2.16
CA THR A 31 10.82 4.04 1.23
C THR A 31 11.82 2.89 1.18
N ASP A 32 12.38 2.68 0.00
CA ASP A 32 13.44 1.72 -0.17
C ASP A 32 14.59 2.08 0.76
N HIS A 33 15.05 3.35 0.72
CA HIS A 33 16.19 3.73 1.57
C HIS A 33 15.95 3.39 3.05
N GLY A 34 14.74 3.65 3.53
CA GLY A 34 14.37 3.44 4.91
C GLY A 34 14.21 1.97 5.32
N PHE A 35 13.57 1.18 4.45
CA PHE A 35 13.39 -0.28 4.67
C PHE A 35 14.71 -1.04 4.68
N ARG A 36 15.52 -0.84 3.65
CA ARG A 36 16.85 -1.42 3.61
C ARG A 36 17.66 -1.22 4.91
N ALA A 37 17.45 -0.10 5.61
CA ALA A 37 18.21 0.25 6.80
C ALA A 37 18.11 -0.81 7.87
N PHE A 38 16.89 -1.32 8.05
CA PHE A 38 16.58 -2.28 9.11
C PHE A 38 16.43 -3.73 8.62
N ALA A 39 15.79 -3.90 7.48
CA ALA A 39 15.65 -5.23 6.91
C ALA A 39 16.96 -5.67 6.29
N GLY A 40 17.79 -4.72 5.84
CA GLY A 40 19.08 -5.04 5.25
C GLY A 40 19.04 -5.42 3.78
N HIS A 41 17.85 -5.43 3.19
CA HIS A 41 17.63 -5.60 1.76
C HIS A 41 16.33 -4.90 1.40
N SER A 42 16.08 -4.83 0.10
CA SER A 42 14.88 -4.21 -0.46
C SER A 42 13.65 -5.14 -0.43
N LEU A 43 12.48 -4.59 -0.09
CA LEU A 43 11.21 -5.33 -0.19
C LEU A 43 10.76 -5.48 -1.67
N ASP A 44 10.71 -6.73 -2.13
CA ASP A 44 10.14 -7.08 -3.42
C ASP A 44 8.65 -7.29 -3.14
N VAL A 45 7.88 -6.31 -3.53
CA VAL A 45 6.44 -6.31 -3.41
C VAL A 45 5.82 -7.02 -4.60
N ARG A 46 5.27 -8.19 -4.35
CA ARG A 46 4.60 -8.95 -5.41
C ARG A 46 3.11 -9.04 -5.21
N GLN A 47 2.61 -8.57 -4.06
CA GLN A 47 1.19 -8.46 -3.79
C GLN A 47 0.90 -7.44 -2.63
N VAL A 48 -0.23 -6.74 -2.70
CA VAL A 48 -0.70 -5.90 -1.61
C VAL A 48 -2.18 -6.22 -1.27
N ASN A 49 -2.43 -6.58 -0.02
CA ASN A 49 -3.78 -6.93 0.41
C ASN A 49 -4.46 -5.84 1.22
N CYS A 50 -5.78 -5.85 1.19
CA CYS A 50 -6.56 -4.91 1.94
C CYS A 50 -7.76 -5.59 2.60
N SER A 51 -8.02 -5.28 3.85
CA SER A 51 -9.22 -5.76 4.53
C SER A 51 -9.80 -4.66 5.41
N VAL A 52 -11.11 -4.72 5.64
CA VAL A 52 -11.85 -3.91 6.60
C VAL A 52 -12.64 -4.84 7.53
N SER A 53 -12.50 -4.63 8.84
CA SER A 53 -13.08 -5.50 9.87
C SER A 53 -13.93 -4.78 10.90
N SER A 54 -15.03 -5.42 11.33
CA SER A 54 -15.83 -4.92 12.45
C SER A 54 -15.18 -5.30 13.80
N ALA A 55 -15.62 -4.66 14.86
CA ALA A 55 -15.10 -4.96 16.18
C ALA A 55 -15.09 -6.47 16.48
N GLY A 56 -13.97 -6.95 17.00
CA GLY A 56 -13.86 -8.29 17.53
C GLY A 56 -13.41 -9.36 16.57
N VAL A 57 -13.11 -8.98 15.32
CA VAL A 57 -12.79 -9.90 14.23
C VAL A 57 -11.29 -10.26 14.21
N LEU A 58 -10.97 -11.56 14.18
CA LEU A 58 -9.59 -12.02 14.32
C LEU A 58 -9.17 -12.78 13.06
N ARG A 59 -8.10 -12.34 12.40
CA ARG A 59 -7.59 -13.00 11.19
C ARG A 59 -6.15 -13.49 11.48
N GLY A 60 -5.91 -14.80 11.37
CA GLY A 60 -4.64 -15.40 11.73
C GLY A 60 -4.87 -16.62 12.59
N LEU A 61 -3.81 -17.27 13.07
CA LEU A 61 -2.43 -16.93 12.74
C LEU A 61 -2.01 -17.60 11.42
N HIS A 62 -1.34 -16.84 10.54
CA HIS A 62 -0.91 -17.30 9.22
C HIS A 62 0.61 -17.31 9.03
N PHE A 63 1.12 -18.31 8.30
CA PHE A 63 2.50 -18.30 7.79
C PHE A 63 2.64 -18.96 6.42
N ALA A 64 3.69 -18.61 5.71
CA ALA A 64 4.02 -19.23 4.43
C ALA A 64 5.28 -20.09 4.55
N GLN A 65 5.18 -21.32 4.04
CA GLN A 65 6.32 -22.21 3.81
C GLN A 65 7.55 -21.56 3.15
N LEU A 66 8.74 -21.83 3.70
CA LEU A 66 9.99 -21.32 3.15
C LEU A 66 10.35 -22.11 1.89
N PRO A 67 11.37 -21.67 1.16
CA PRO A 67 11.35 -21.09 -0.19
C PRO A 67 10.01 -20.66 -0.79
N PRO A 68 9.67 -19.38 -0.94
CA PRO A 68 10.35 -18.22 -0.35
C PRO A 68 9.56 -17.55 0.79
N SER A 69 8.54 -18.23 1.34
CA SER A 69 7.71 -17.70 2.43
C SER A 69 7.10 -16.33 2.05
N GLN A 70 6.61 -15.56 3.00
CA GLN A 70 5.88 -14.32 2.67
C GLN A 70 6.12 -13.32 3.74
N ALA A 71 6.99 -12.36 3.48
CA ALA A 71 7.16 -11.26 4.40
C ALA A 71 6.02 -10.26 4.18
N LYS A 72 5.68 -9.54 5.25
CA LYS A 72 4.52 -8.68 5.35
C LYS A 72 4.90 -7.34 6.02
N TYR A 73 4.52 -6.25 5.36
CA TYR A 73 4.65 -4.91 5.86
C TYR A 73 3.22 -4.38 6.08
N VAL A 74 2.81 -4.26 7.35
CA VAL A 74 1.41 -4.14 7.69
C VAL A 74 1.01 -2.92 8.49
N THR A 75 -0.10 -2.26 8.07
CA THR A 75 -0.53 -1.00 8.66
C THR A 75 -2.04 -0.88 8.66
N CYS A 76 -2.54 -0.13 9.67
CA CYS A 76 -3.93 0.33 9.82
C CYS A 76 -4.18 1.79 9.39
N VAL A 77 -5.05 1.96 8.38
CA VAL A 77 -5.40 3.26 7.84
C VAL A 77 -6.77 3.82 8.26
N SER A 78 -7.55 3.03 9.01
CA SER A 78 -8.74 3.54 9.71
C SER A 78 -9.10 2.61 10.87
N GLY A 79 -9.63 3.17 11.97
CA GLY A 79 -9.80 2.39 13.19
C GLY A 79 -8.51 1.93 13.88
N SER A 80 -8.52 0.74 14.47
CA SER A 80 -7.35 0.16 15.18
C SER A 80 -7.39 -1.38 15.30
N VAL A 81 -6.22 -2.00 15.13
CA VAL A 81 -6.03 -3.42 15.43
C VAL A 81 -4.80 -3.71 16.32
N PHE A 82 -4.91 -4.79 17.08
CA PHE A 82 -3.84 -5.35 17.90
C PHE A 82 -3.20 -6.44 17.05
N ASP A 83 -1.96 -6.22 16.63
CA ASP A 83 -1.28 -7.09 15.69
C ASP A 83 -0.25 -7.95 16.36
N VAL A 84 -0.22 -9.25 16.06
CA VAL A 84 0.65 -10.20 16.76
C VAL A 84 1.55 -10.93 15.76
N VAL A 85 2.84 -11.04 16.10
CA VAL A 85 3.83 -11.89 15.39
C VAL A 85 4.28 -13.02 16.35
N VAL A 86 4.42 -14.24 15.84
CA VAL A 86 4.88 -15.41 16.62
C VAL A 86 6.05 -16.05 15.93
N ASP A 87 7.05 -16.42 16.73
CA ASP A 87 8.27 -17.06 16.27
C ASP A 87 8.03 -18.57 16.19
N ILE A 88 7.86 -19.07 14.97
CA ILE A 88 7.51 -20.45 14.71
C ILE A 88 8.69 -21.16 14.11
N ARG A 89 9.85 -20.54 14.20
CA ARG A 89 11.06 -21.04 13.56
C ARG A 89 11.78 -21.99 14.48
N GLU A 90 11.61 -23.27 14.23
CA GLU A 90 12.26 -24.33 15.00
C GLU A 90 13.75 -24.05 15.16
N GLY A 91 14.26 -24.14 16.40
CA GLY A 91 15.67 -23.94 16.69
C GLY A 91 15.99 -22.55 17.23
N SER A 92 15.22 -21.54 16.80
CA SER A 92 15.29 -20.17 17.34
C SER A 92 15.28 -20.09 18.87
N PRO A 93 16.14 -19.27 19.47
CA PRO A 93 16.13 -19.10 20.92
C PRO A 93 14.86 -18.39 21.45
N THR A 94 14.03 -17.89 20.54
CA THR A 94 12.74 -17.33 20.92
C THR A 94 11.59 -18.16 20.35
N PHE A 95 11.88 -19.41 20.03
CA PHE A 95 10.88 -20.32 19.53
C PHE A 95 9.66 -20.37 20.46
N GLY A 96 8.47 -20.08 19.90
CA GLY A 96 7.21 -20.12 20.63
C GLY A 96 6.81 -18.82 21.31
N ARG A 97 7.55 -17.76 21.02
CA ARG A 97 7.35 -16.48 21.65
C ARG A 97 6.61 -15.55 20.71
N TRP A 98 5.93 -14.55 21.26
CA TRP A 98 5.13 -13.64 20.48
C TRP A 98 5.31 -12.21 21.01
N ASP A 99 4.97 -11.27 20.15
CA ASP A 99 4.93 -9.85 20.50
C ASP A 99 3.81 -9.18 19.71
N SER A 100 3.41 -7.98 20.15
CA SER A 100 2.32 -7.26 19.52
C SER A 100 2.74 -5.83 19.18
N VAL A 101 2.08 -5.23 18.19
CA VAL A 101 2.09 -3.78 18.02
C VAL A 101 0.66 -3.31 17.75
N LEU A 102 0.37 -2.06 18.14
CA LEU A 102 -0.95 -1.47 18.01
C LEU A 102 -0.90 -0.63 16.76
N LEU A 103 -1.69 -1.02 15.76
CA LEU A 103 -1.80 -0.28 14.51
C LEU A 103 -3.09 0.52 14.53
N ASP A 104 -3.01 1.82 14.27
CA ASP A 104 -4.20 2.65 14.17
C ASP A 104 -4.03 3.88 13.26
N ASP A 105 -5.12 4.64 13.07
CA ASP A 105 -5.09 5.88 12.28
C ASP A 105 -4.76 7.11 13.16
N GLN A 106 -4.18 6.89 14.34
CA GLN A 106 -3.69 7.96 15.22
C GLN A 106 -2.17 8.09 15.10
N ASP A 107 -1.48 7.02 15.48
CA ASP A 107 -0.02 6.98 15.43
C ASP A 107 0.49 6.41 14.10
N ARG A 108 -0.30 5.59 13.43
CA ARG A 108 0.00 5.15 12.06
C ARG A 108 1.26 4.28 11.93
N ARG A 109 1.46 3.43 12.92
CA ARG A 109 2.60 2.54 12.95
C ARG A 109 2.45 1.45 11.90
N THR A 110 3.53 0.72 11.71
CA THR A 110 3.58 -0.45 10.87
C THR A 110 4.34 -1.55 11.61
N ILE A 111 4.00 -2.81 11.36
CA ILE A 111 4.82 -3.96 11.76
C ILE A 111 5.32 -4.58 10.45
N TYR A 112 6.62 -4.81 10.34
CA TYR A 112 7.21 -5.62 9.29
C TYR A 112 7.47 -7.03 9.86
N VAL A 113 7.02 -8.07 9.16
CA VAL A 113 7.16 -9.45 9.55
C VAL A 113 7.96 -10.20 8.49
N SER A 114 9.16 -10.68 8.84
CA SER A 114 9.97 -11.36 7.85
C SER A 114 9.50 -12.81 7.63
N GLU A 115 10.12 -13.38 6.59
CA GLU A 115 9.93 -14.71 6.09
C GLU A 115 9.94 -15.67 7.25
N GLY A 116 9.06 -16.66 7.20
CA GLY A 116 9.06 -17.71 8.19
C GLY A 116 8.48 -17.42 9.57
N LEU A 117 7.76 -16.32 9.74
CA LEU A 117 7.09 -16.05 11.02
C LEU A 117 5.59 -16.15 10.82
N ALA A 118 4.84 -16.22 11.92
CA ALA A 118 3.39 -16.27 11.85
C ALA A 118 2.84 -14.95 12.30
N HIS A 119 1.68 -14.59 11.75
CA HIS A 119 1.13 -13.25 11.90
C HIS A 119 -0.38 -13.25 12.03
N GLY A 120 -0.92 -12.35 12.84
CA GLY A 120 -2.36 -12.20 12.96
C GLY A 120 -2.73 -10.85 13.57
N PHE A 121 -4.01 -10.49 13.51
CA PHE A 121 -4.49 -9.26 14.14
C PHE A 121 -5.94 -9.32 14.50
N LEU A 122 -6.28 -8.59 15.57
CA LEU A 122 -7.63 -8.46 16.11
C LEU A 122 -8.09 -7.03 15.90
N ALA A 123 -9.23 -6.84 15.24
CA ALA A 123 -9.80 -5.50 15.08
C ALA A 123 -10.43 -5.06 16.40
N LEU A 124 -10.19 -3.81 16.79
CA LEU A 124 -10.66 -3.22 18.06
C LEU A 124 -11.77 -2.20 17.87
N GLN A 125 -12.21 -2.03 16.62
CA GLN A 125 -13.15 -0.97 16.25
C GLN A 125 -13.91 -1.35 15.00
N ASP A 126 -15.11 -0.79 14.80
CA ASP A 126 -15.78 -0.87 13.51
C ASP A 126 -14.95 -0.07 12.47
N ASN A 127 -14.96 -0.53 11.21
CA ASN A 127 -14.34 0.14 10.07
C ASN A 127 -12.82 0.23 10.21
N SER A 128 -12.23 -0.86 10.71
CA SER A 128 -10.76 -1.07 10.79
C SER A 128 -10.18 -1.67 9.49
N THR A 129 -9.50 -0.79 8.74
CA THR A 129 -8.89 -1.11 7.47
C THR A 129 -7.40 -1.42 7.62
N VAL A 130 -7.00 -2.59 7.14
CA VAL A 130 -5.63 -3.03 7.19
C VAL A 130 -5.15 -3.26 5.80
N MET A 131 -3.99 -2.73 5.53
CA MET A 131 -3.37 -2.90 4.26
C MET A 131 -2.02 -3.56 4.49
N TYR A 132 -1.64 -4.48 3.61
CA TYR A 132 -0.25 -4.95 3.74
C TYR A 132 0.42 -5.40 2.49
N LEU A 133 1.67 -4.98 2.37
CA LEU A 133 2.54 -5.37 1.28
C LEU A 133 3.08 -6.75 1.55
N CYS A 134 3.25 -7.53 0.48
CA CYS A 134 3.70 -8.93 0.58
C CYS A 134 4.79 -9.17 -0.43
N SER A 135 5.84 -9.90 0.01
CA SER A 135 6.95 -10.32 -0.84
C SER A 135 6.67 -11.52 -1.77
N ALA A 136 5.56 -12.20 -1.52
CA ALA A 136 5.11 -13.27 -2.42
C ALA A 136 3.62 -13.14 -2.73
N GLU A 137 3.22 -13.55 -3.91
CA GLU A 137 1.81 -13.65 -4.25
C GLU A 137 1.19 -14.70 -3.36
N TYR A 138 -0.10 -14.56 -3.09
CA TYR A 138 -0.81 -15.55 -2.27
C TYR A 138 -0.66 -16.89 -2.95
N ASN A 139 -0.31 -17.90 -2.18
CA ASN A 139 -0.25 -19.27 -2.70
C ASN A 139 -0.94 -20.22 -1.73
N PRO A 140 -2.15 -20.70 -2.03
CA PRO A 140 -2.95 -21.47 -1.04
C PRO A 140 -2.26 -22.76 -0.59
N GLN A 141 -1.47 -23.32 -1.50
CA GLN A 141 -0.76 -24.58 -1.28
C GLN A 141 0.40 -24.47 -0.26
N ARG A 142 0.93 -23.27 -0.08
CA ARG A 142 2.04 -23.12 0.85
C ARG A 142 1.70 -22.22 2.03
N GLU A 143 0.45 -21.79 2.15
CA GLU A 143 0.04 -20.97 3.31
C GLU A 143 -0.64 -21.92 4.28
N HIS A 144 -0.25 -21.79 5.54
CA HIS A 144 -0.72 -22.68 6.57
C HIS A 144 -1.21 -21.75 7.69
N THR A 145 -1.90 -22.33 8.65
CA THR A 145 -2.50 -21.59 9.74
C THR A 145 -2.17 -22.30 11.02
N ILE A 146 -2.09 -21.54 12.10
CA ILE A 146 -2.00 -22.08 13.47
C ILE A 146 -3.11 -21.38 14.22
N CYS A 147 -3.89 -22.13 14.95
CA CYS A 147 -4.97 -21.62 15.75
C CYS A 147 -4.51 -20.45 16.64
N ALA A 148 -5.26 -19.36 16.58
CA ALA A 148 -4.86 -18.08 17.19
C ALA A 148 -4.91 -18.13 18.71
N THR A 149 -5.68 -19.06 19.27
CA THR A 149 -5.84 -19.16 20.70
C THR A 149 -5.19 -20.42 21.23
N ASP A 150 -4.29 -21.00 20.42
CA ASP A 150 -3.49 -22.16 20.82
C ASP A 150 -2.98 -22.01 22.26
N PRO A 151 -3.16 -23.02 23.09
CA PRO A 151 -2.81 -22.88 24.51
C PRO A 151 -1.29 -22.84 24.74
N THR A 152 -0.49 -23.32 23.78
CA THR A 152 0.96 -23.31 23.93
C THR A 152 1.49 -21.91 23.67
N LEU A 153 0.89 -21.22 22.70
CA LEU A 153 1.30 -19.85 22.38
C LEU A 153 0.77 -18.86 23.41
N ALA A 154 -0.45 -19.09 23.89
CA ALA A 154 -1.05 -18.27 24.92
C ALA A 154 -0.88 -16.80 24.62
N VAL A 155 -1.26 -16.42 23.41
CA VAL A 155 -1.28 -15.03 23.01
C VAL A 155 -2.36 -14.35 23.83
N ASP A 156 -2.05 -13.13 24.25
CA ASP A 156 -2.91 -12.37 25.13
C ASP A 156 -3.76 -11.43 24.28
N TRP A 157 -4.90 -11.94 23.81
CA TRP A 157 -5.79 -11.17 22.95
C TRP A 157 -6.66 -10.24 23.80
N PRO A 158 -6.66 -8.95 23.47
CA PRO A 158 -7.42 -7.95 24.21
C PRO A 158 -8.85 -7.73 23.70
N LEU A 159 -9.74 -8.60 24.14
CA LEU A 159 -11.17 -8.31 24.30
C LEU A 159 -11.81 -9.56 24.85
N VAL A 160 -11.20 -10.12 25.89
CA VAL A 160 -12.02 -10.75 26.89
C VAL A 160 -12.39 -9.53 27.78
N ASP A 161 -13.03 -8.59 27.07
CA ASP A 161 -13.72 -7.42 27.62
C ASP A 161 -15.01 -7.30 26.75
N GLY A 162 -15.81 -8.36 26.83
CA GLY A 162 -17.07 -8.47 26.13
C GLY A 162 -17.24 -9.89 25.66
N ALA A 163 -16.84 -10.08 24.41
CA ALA A 163 -17.21 -11.22 23.61
C ALA A 163 -16.00 -12.08 23.27
N ALA A 164 -16.27 -13.36 22.99
CA ALA A 164 -15.35 -14.18 22.20
C ALA A 164 -15.13 -13.47 20.86
N PRO A 165 -14.01 -13.76 20.19
CA PRO A 165 -13.69 -13.08 18.93
C PRO A 165 -14.39 -13.74 17.74
N SER A 166 -14.39 -13.07 16.59
CA SER A 166 -15.09 -13.55 15.40
C SER A 166 -14.07 -14.04 14.40
N LEU A 167 -14.16 -15.30 13.96
CA LEU A 167 -13.25 -15.75 12.89
C LEU A 167 -13.95 -16.46 11.73
N SER A 168 -13.16 -16.66 10.66
CA SER A 168 -13.58 -17.45 9.48
C SER A 168 -13.48 -18.94 9.76
N ASP A 169 -14.12 -19.75 8.92
CA ASP A 169 -14.14 -21.21 9.09
C ASP A 169 -12.73 -21.81 9.11
N ARG A 170 -11.86 -21.39 8.17
CA ARG A 170 -10.49 -21.92 8.12
C ARG A 170 -9.63 -21.57 9.36
N ASP A 171 -9.66 -20.32 9.81
CA ASP A 171 -8.99 -19.93 11.06
C ASP A 171 -9.59 -20.58 12.30
N ALA A 172 -10.89 -20.86 12.28
CA ALA A 172 -11.59 -21.47 13.42
C ALA A 172 -11.24 -22.94 13.56
N ALA A 173 -10.88 -23.56 12.44
CA ALA A 173 -10.55 -24.96 12.44
C ALA A 173 -9.05 -25.15 12.33
N ALA A 174 -8.29 -24.09 12.58
CA ALA A 174 -6.85 -24.18 12.39
C ALA A 174 -6.26 -25.20 13.36
N PRO A 175 -5.24 -25.91 12.88
CA PRO A 175 -4.60 -26.92 13.71
C PRO A 175 -3.82 -26.18 14.80
N SER A 176 -3.73 -26.83 15.95
CA SER A 176 -2.90 -26.32 17.01
C SER A 176 -1.39 -26.51 16.61
N PHE A 177 -0.53 -25.96 17.47
CA PHE A 177 0.87 -25.72 17.16
C PHE A 177 1.75 -26.98 17.39
N GLU A 178 1.39 -27.90 18.30
CA GLU A 178 2.02 -29.24 18.28
C GLU A 178 1.50 -30.05 17.12
N ASP A 179 0.25 -29.84 16.74
CA ASP A 179 -0.25 -30.49 15.49
C ASP A 179 0.70 -30.05 14.30
N VAL A 180 1.03 -28.77 14.23
CA VAL A 180 1.79 -28.27 13.08
C VAL A 180 3.28 -28.57 13.21
N ARG A 181 3.80 -28.66 14.43
CA ARG A 181 5.26 -28.87 14.57
C ARG A 181 5.63 -30.32 14.30
N ALA A 182 4.80 -31.23 14.78
CA ALA A 182 5.10 -32.64 14.61
C ALA A 182 4.91 -33.08 13.14
N SER A 183 4.12 -32.31 12.39
CA SER A 183 3.89 -32.54 10.95
C SER A 183 4.95 -31.85 10.08
N GLY A 184 5.81 -31.02 10.69
CA GLY A 184 7.10 -30.75 10.10
C GLY A 184 6.98 -29.65 9.08
N LEU A 185 5.94 -28.85 9.21
CA LEU A 185 5.62 -27.78 8.30
C LEU A 185 6.17 -26.43 8.77
N LEU A 186 6.84 -26.39 9.92
CA LEU A 186 7.34 -25.14 10.45
C LEU A 186 8.66 -24.81 9.78
N PRO A 187 8.93 -23.53 9.60
CA PRO A 187 10.26 -23.08 9.13
C PRO A 187 11.32 -23.48 10.15
N ARG A 188 12.57 -23.62 9.70
CA ARG A 188 13.70 -23.78 10.60
C ARG A 188 14.49 -22.49 10.66
N TRP A 189 14.71 -22.02 11.88
CA TRP A 189 15.54 -20.86 12.18
C TRP A 189 16.79 -20.79 11.29
N GLU A 190 17.60 -21.84 11.28
CA GLU A 190 18.87 -21.78 10.54
C GLU A 190 18.68 -21.47 9.06
N GLN A 191 17.61 -22.00 8.47
CA GLN A 191 17.40 -21.90 7.04
C GLN A 191 16.62 -20.65 6.62
N THR A 192 15.92 -20.01 7.56
CA THR A 192 15.27 -18.71 7.30
C THR A 192 16.34 -17.63 7.24
N GLN A 193 17.32 -17.79 8.12
CA GLN A 193 18.41 -16.84 8.24
C GLN A 193 19.35 -16.98 7.07
N ARG A 194 19.59 -18.20 6.60
CA ARG A 194 20.39 -18.40 5.38
C ARG A 194 19.68 -17.74 4.17
N PHE A 195 18.35 -17.86 4.10
CA PHE A 195 17.57 -17.23 3.01
C PHE A 195 17.62 -15.69 3.08
N ILE A 196 17.63 -15.14 4.30
CA ILE A 196 17.60 -13.69 4.52
C ILE A 196 19.00 -13.08 4.50
N GLY A 197 19.94 -13.74 5.16
CA GLY A 197 21.31 -13.24 5.28
C GLY A 197 22.07 -13.27 3.96
N GLU A 198 21.37 -13.82 2.93
CA GLU A 198 21.65 -13.81 1.49
C GLU A 198 21.25 -12.44 0.74
N MET A 199 20.47 -11.43 1.35
CA MET A 199 20.04 -10.05 0.88
C MET A 199 19.55 -9.90 -0.56
N MET B 1 -11.54 -6.41 -10.21
CA MET B 1 -10.62 -6.91 -11.61
C MET B 1 -11.40 -6.72 -12.88
N LYS B 2 -11.31 -5.51 -13.29
CA LYS B 2 -11.38 -5.15 -14.66
C LYS B 2 -10.46 -3.96 -14.63
N ALA B 3 -9.51 -3.96 -15.57
CA ALA B 3 -8.62 -2.84 -15.84
C ALA B 3 -9.08 -2.24 -17.20
N ARG B 4 -9.33 -0.93 -17.18
CA ARG B 4 -9.97 -0.21 -18.24
C ARG B 4 -9.05 0.96 -18.57
N GLU B 5 -8.42 0.92 -19.76
CA GLU B 5 -7.50 1.97 -20.14
C GLU B 5 -8.33 3.21 -20.31
N LEU B 6 -7.80 4.31 -19.82
CA LEU B 6 -8.46 5.60 -19.87
C LEU B 6 -8.27 6.22 -21.25
N ASP B 7 -8.85 7.39 -21.45
CA ASP B 7 -8.70 8.11 -22.75
C ASP B 7 -7.30 8.67 -22.93
N VAL B 8 -6.55 8.80 -21.84
CA VAL B 8 -5.10 8.96 -21.93
C VAL B 8 -4.44 7.56 -21.94
N PRO B 9 -3.80 7.16 -23.04
CA PRO B 9 -3.18 5.83 -23.09
C PRO B 9 -1.99 5.69 -22.14
N GLY B 10 -1.96 4.63 -21.35
CA GLY B 10 -0.91 4.40 -20.38
C GLY B 10 -1.39 4.72 -18.97
N ALA B 11 -2.68 4.96 -18.82
CA ALA B 11 -3.31 5.18 -17.53
C ALA B 11 -4.57 4.32 -17.48
N TRP B 12 -4.80 3.63 -16.35
CA TRP B 12 -5.85 2.63 -16.25
C TRP B 12 -6.65 2.77 -14.96
N GLU B 13 -7.96 2.60 -15.11
CA GLU B 13 -8.85 2.43 -13.98
C GLU B 13 -8.97 0.93 -13.68
N ILE B 14 -8.64 0.58 -12.44
CA ILE B 14 -8.74 -0.76 -11.92
C ILE B 14 -9.87 -0.86 -10.89
N THR B 15 -10.76 -1.83 -11.09
CA THR B 15 -11.81 -2.15 -10.13
C THR B 15 -11.48 -3.54 -9.56
N PRO B 16 -11.45 -3.71 -8.22
CA PRO B 16 -11.09 -5.00 -7.64
C PRO B 16 -12.27 -5.96 -7.49
N THR B 17 -11.96 -7.21 -7.19
CA THR B 17 -12.95 -8.18 -6.76
C THR B 17 -12.94 -8.11 -5.25
N ILE B 18 -14.10 -7.75 -4.69
CA ILE B 18 -14.29 -7.55 -3.25
C ILE B 18 -15.04 -8.74 -2.71
N HIS B 19 -14.39 -9.48 -1.82
CA HIS B 19 -15.00 -10.60 -1.12
C HIS B 19 -15.58 -10.05 0.17
N VAL B 20 -16.87 -10.30 0.37
CA VAL B 20 -17.59 -9.81 1.53
C VAL B 20 -18.08 -10.99 2.34
N ASP B 21 -17.92 -10.91 3.64
CA ASP B 21 -18.40 -11.93 4.55
C ASP B 21 -18.84 -11.29 5.88
N SER B 22 -19.13 -12.15 6.86
CA SER B 22 -19.57 -11.75 8.20
C SER B 22 -18.57 -10.81 8.91
N ARG B 23 -17.28 -11.05 8.69
CA ARG B 23 -16.21 -10.25 9.29
C ARG B 23 -16.09 -8.83 8.73
N GLY B 24 -16.69 -8.58 7.57
CA GLY B 24 -16.41 -7.37 6.82
C GLY B 24 -15.99 -7.76 5.42
N LEU B 25 -14.95 -7.11 4.89
CA LEU B 25 -14.50 -7.36 3.51
C LEU B 25 -12.97 -7.45 3.33
N PHE B 26 -12.54 -8.11 2.25
CA PHE B 26 -11.13 -8.14 1.84
C PHE B 26 -11.00 -8.10 0.33
N PHE B 27 -9.85 -7.61 -0.13
CA PHE B 27 -9.47 -7.70 -1.53
C PHE B 27 -7.97 -7.60 -1.77
N GLU B 28 -7.60 -8.03 -2.97
CA GLU B 28 -6.28 -7.87 -3.55
C GLU B 28 -6.20 -6.49 -4.20
N TRP B 29 -5.45 -5.57 -3.61
CA TRP B 29 -5.31 -4.23 -4.19
C TRP B 29 -4.38 -4.33 -5.44
N LEU B 30 -3.36 -5.15 -5.29
CA LEU B 30 -2.43 -5.46 -6.34
C LEU B 30 -1.92 -6.86 -6.23
N THR B 31 -1.81 -7.47 -7.41
CA THR B 31 -1.13 -8.73 -7.58
C THR B 31 -0.17 -8.57 -8.73
N ASP B 32 0.95 -9.26 -8.65
CA ASP B 32 1.88 -9.29 -9.76
C ASP B 32 1.21 -9.87 -11.01
N HIS B 33 0.58 -11.04 -10.91
CA HIS B 33 -0.13 -11.59 -12.08
C HIS B 33 -1.16 -10.62 -12.69
N GLY B 34 -1.91 -9.92 -11.85
CA GLY B 34 -2.95 -9.02 -12.30
C GLY B 34 -2.39 -7.79 -12.97
N PHE B 35 -1.37 -7.20 -12.38
CA PHE B 35 -0.75 -5.97 -12.90
C PHE B 35 -0.02 -6.23 -14.22
N ARG B 36 0.80 -7.26 -14.23
CA ARG B 36 1.48 -7.70 -15.43
C ARG B 36 0.55 -7.80 -16.65
N ALA B 37 -0.70 -8.21 -16.40
CA ALA B 37 -1.70 -8.41 -17.45
C ALA B 37 -1.90 -7.17 -18.32
N PHE B 38 -2.07 -6.03 -17.63
CA PHE B 38 -2.44 -4.78 -18.25
C PHE B 38 -1.26 -3.83 -18.48
N ALA B 39 -0.35 -3.76 -17.53
CA ALA B 39 0.83 -2.93 -17.68
C ALA B 39 1.92 -3.59 -18.53
N GLY B 40 1.89 -4.92 -18.67
CA GLY B 40 2.83 -5.63 -19.52
C GLY B 40 4.19 -5.94 -18.89
N HIS B 41 4.34 -5.54 -17.63
CA HIS B 41 5.55 -5.78 -16.83
C HIS B 41 5.15 -5.66 -15.39
N SER B 42 6.05 -6.10 -14.49
CA SER B 42 5.84 -6.00 -13.05
C SER B 42 6.17 -4.61 -12.52
N LEU B 43 5.39 -4.15 -11.52
CA LEU B 43 5.69 -2.92 -10.80
C LEU B 43 6.81 -3.16 -9.79
N ASP B 44 7.94 -2.45 -9.87
CA ASP B 44 8.84 -2.50 -8.71
C ASP B 44 8.63 -1.25 -7.88
N VAL B 45 8.10 -1.54 -6.71
CA VAL B 45 7.65 -0.59 -5.75
C VAL B 45 8.84 -0.16 -4.93
N ARG B 46 9.24 1.09 -5.12
CA ARG B 46 10.44 1.60 -4.46
C ARG B 46 10.04 2.62 -3.37
N GLN B 47 8.76 2.98 -3.34
CA GLN B 47 8.21 3.88 -2.35
C GLN B 47 6.68 3.76 -2.29
N VAL B 48 6.08 3.95 -1.11
CA VAL B 48 4.63 4.05 -0.96
C VAL B 48 4.23 5.24 -0.07
N ASN B 49 3.36 6.11 -0.60
CA ASN B 49 2.97 7.30 0.12
C ASN B 49 1.54 7.30 0.60
N CYS B 50 1.28 8.11 1.59
CA CYS B 50 -0.01 8.15 2.18
C CYS B 50 -0.35 9.58 2.49
N SER B 51 -1.57 9.99 2.25
CA SER B 51 -2.00 11.29 2.67
C SER B 51 -3.47 11.23 3.10
N VAL B 52 -3.85 12.22 3.92
CA VAL B 52 -5.20 12.41 4.43
C VAL B 52 -5.52 13.87 4.15
N SER B 53 -6.62 14.12 3.43
CA SER B 53 -7.02 15.48 3.05
C SER B 53 -8.42 15.85 3.51
N SER B 54 -8.61 17.12 3.89
CA SER B 54 -9.94 17.65 4.19
C SER B 54 -10.67 18.05 2.89
N ALA B 55 -11.96 18.31 3.00
CA ALA B 55 -12.73 18.67 1.80
C ALA B 55 -12.10 19.86 1.05
N GLY B 56 -11.98 19.70 -0.26
CA GLY B 56 -11.55 20.79 -1.13
C GLY B 56 -10.07 20.94 -1.42
N VAL B 57 -9.22 20.04 -0.92
CA VAL B 57 -7.77 20.21 -1.08
C VAL B 57 -7.26 19.48 -2.33
N LEU B 58 -6.38 20.14 -3.08
CA LEU B 58 -5.92 19.64 -4.36
C LEU B 58 -4.41 19.43 -4.30
N ARG B 59 -3.95 18.25 -4.65
CA ARG B 59 -2.54 17.94 -4.70
C ARG B 59 -2.21 17.60 -6.17
N GLY B 60 -1.29 18.33 -6.78
CA GLY B 60 -0.99 18.17 -8.19
C GLY B 60 -0.88 19.49 -8.92
N LEU B 61 -0.58 19.48 -10.22
CA LEU B 61 -0.28 18.28 -11.00
C LEU B 61 1.21 17.96 -11.05
N HIS B 62 1.59 16.70 -10.80
CA HIS B 62 2.99 16.28 -10.68
C HIS B 62 3.51 15.30 -11.76
N PHE B 63 4.79 15.45 -12.11
CA PHE B 63 5.52 14.45 -12.90
C PHE B 63 7.00 14.31 -12.55
N ALA B 64 7.56 13.13 -12.83
CA ALA B 64 9.00 12.91 -12.73
C ALA B 64 9.62 12.80 -14.13
N GLN B 65 10.68 13.56 -14.40
CA GLN B 65 11.50 13.44 -15.63
C GLN B 65 11.85 11.99 -16.00
N LEU B 66 11.91 11.65 -17.29
CA LEU B 66 11.70 10.26 -17.70
C LEU B 66 12.75 9.22 -17.28
N PRO B 67 14.01 9.34 -17.68
CA PRO B 67 15.01 8.45 -17.08
C PRO B 67 14.62 8.47 -15.59
N PRO B 68 14.56 7.34 -14.90
CA PRO B 68 13.38 6.65 -14.34
C PRO B 68 11.86 7.11 -14.47
N SER B 69 11.57 8.41 -14.39
CA SER B 69 10.20 8.92 -14.08
C SER B 69 9.65 8.19 -12.84
N GLN B 70 8.35 8.24 -12.59
CA GLN B 70 7.77 7.65 -11.39
C GLN B 70 6.38 7.17 -11.66
N ALA B 71 6.19 5.87 -11.89
CA ALA B 71 4.83 5.35 -12.08
C ALA B 71 4.13 5.30 -10.71
N LYS B 72 2.81 5.47 -10.75
CA LYS B 72 1.95 5.58 -9.58
C LYS B 72 0.69 4.63 -9.65
N TYR B 73 0.48 3.86 -8.59
CA TYR B 73 -0.70 3.00 -8.42
C TYR B 73 -1.51 3.56 -7.22
N VAL B 74 -2.66 4.16 -7.49
CA VAL B 74 -3.27 5.11 -6.55
C VAL B 74 -4.71 4.79 -6.15
N THR B 75 -4.97 4.74 -4.83
CA THR B 75 -6.25 4.36 -4.28
C THR B 75 -6.64 5.18 -3.07
N CYS B 76 -7.97 5.36 -2.90
CA CYS B 76 -8.60 5.94 -1.72
C CYS B 76 -9.18 4.89 -0.78
N VAL B 77 -8.71 4.90 0.49
CA VAL B 77 -9.13 3.93 1.49
C VAL B 77 -10.09 4.53 2.57
N SER B 78 -10.40 5.82 2.47
CA SER B 78 -11.44 6.50 3.28
C SER B 78 -11.82 7.82 2.63
N GLY B 79 -13.10 8.20 2.64
CA GLY B 79 -13.55 9.38 1.91
C GLY B 79 -13.61 9.19 0.40
N SER B 80 -13.49 10.27 -0.37
CA SER B 80 -13.43 10.20 -1.84
C SER B 80 -12.55 11.29 -2.45
N VAL B 81 -11.87 10.95 -3.55
CA VAL B 81 -11.14 11.91 -4.37
C VAL B 81 -11.42 11.75 -5.87
N PHE B 82 -11.41 12.89 -6.55
CA PHE B 82 -11.51 12.98 -7.99
C PHE B 82 -10.06 13.06 -8.47
N ASP B 83 -9.58 11.99 -9.08
CA ASP B 83 -8.18 11.86 -9.48
C ASP B 83 -8.06 12.05 -10.99
N VAL B 84 -7.00 12.75 -11.43
CA VAL B 84 -6.85 13.18 -12.81
C VAL B 84 -5.47 12.85 -13.33
N VAL B 85 -5.43 12.37 -14.59
CA VAL B 85 -4.18 12.06 -15.30
C VAL B 85 -4.10 12.99 -16.55
N VAL B 86 -2.91 13.50 -16.90
CA VAL B 86 -2.73 14.38 -18.04
C VAL B 86 -1.60 13.88 -18.92
N ASP B 87 -1.82 13.91 -20.23
CA ASP B 87 -0.83 13.43 -21.20
C ASP B 87 0.13 14.58 -21.58
N ILE B 88 1.26 14.61 -20.90
CA ILE B 88 2.26 15.66 -21.05
C ILE B 88 3.39 15.21 -21.94
N ARG B 89 3.17 14.13 -22.69
CA ARG B 89 4.22 13.49 -23.45
C ARG B 89 4.24 14.02 -24.84
N GLU B 90 4.93 15.13 -25.05
CA GLU B 90 4.92 15.79 -26.35
C GLU B 90 5.20 14.79 -27.49
N GLY B 91 4.51 14.97 -28.62
CA GLY B 91 4.55 14.01 -29.71
C GLY B 91 3.38 13.03 -29.72
N SER B 92 2.78 12.78 -28.55
CA SER B 92 1.64 11.87 -28.38
C SER B 92 0.36 12.40 -29.06
N PRO B 93 -0.42 11.52 -29.69
CA PRO B 93 -1.69 11.96 -30.30
C PRO B 93 -2.77 12.36 -29.28
N THR B 94 -2.56 12.11 -28.00
CA THR B 94 -3.46 12.64 -26.97
C THR B 94 -2.75 13.68 -26.11
N PHE B 95 -1.75 14.34 -26.68
CA PHE B 95 -0.98 15.33 -25.98
C PHE B 95 -1.88 16.49 -25.55
N GLY B 96 -1.89 16.81 -24.26
CA GLY B 96 -2.72 17.87 -23.71
C GLY B 96 -4.09 17.42 -23.19
N ARG B 97 -4.41 16.14 -23.36
CA ARG B 97 -5.68 15.57 -22.93
C ARG B 97 -5.61 15.04 -21.51
N TRP B 98 -6.75 14.99 -20.82
CA TRP B 98 -6.82 14.47 -19.46
C TRP B 98 -8.02 13.56 -19.32
N ASP B 99 -7.97 12.70 -18.31
CA ASP B 99 -9.12 11.90 -17.91
C ASP B 99 -9.11 11.80 -16.39
N SER B 100 -10.25 11.45 -15.80
CA SER B 100 -10.38 11.32 -14.34
C SER B 100 -10.87 9.94 -13.95
N VAL B 101 -10.63 9.52 -12.71
CA VAL B 101 -11.37 8.39 -12.10
C VAL B 101 -11.71 8.74 -10.68
N LEU B 102 -12.83 8.22 -10.20
CA LEU B 102 -13.33 8.50 -8.85
C LEU B 102 -12.83 7.42 -7.89
N LEU B 103 -11.95 7.79 -6.95
CA LEU B 103 -11.47 6.87 -5.93
C LEU B 103 -12.21 7.06 -4.61
N ASP B 104 -12.88 6.04 -4.11
CA ASP B 104 -13.57 6.14 -2.83
C ASP B 104 -13.50 4.85 -2.02
N ASP B 105 -14.01 4.88 -0.78
CA ASP B 105 -14.14 3.68 0.02
C ASP B 105 -15.47 2.92 -0.18
N GLN B 106 -16.14 3.17 -1.31
CA GLN B 106 -17.34 2.40 -1.66
C GLN B 106 -17.08 1.42 -2.80
N ASP B 107 -16.65 1.92 -3.95
CA ASP B 107 -16.20 1.05 -5.07
C ASP B 107 -14.73 0.65 -5.00
N ARG B 108 -13.92 1.44 -4.32
CA ARG B 108 -12.51 1.05 -4.02
C ARG B 108 -11.65 0.85 -5.27
N ARG B 109 -11.86 1.69 -6.27
CA ARG B 109 -11.08 1.63 -7.49
C ARG B 109 -9.67 2.09 -7.24
N THR B 110 -8.87 1.91 -8.28
CA THR B 110 -7.50 2.40 -8.37
C THR B 110 -7.22 2.97 -9.75
N ILE B 111 -6.38 3.99 -9.82
CA ILE B 111 -5.79 4.41 -11.09
C ILE B 111 -4.29 4.06 -11.12
N TYR B 112 -3.85 3.43 -12.20
CA TYR B 112 -2.42 3.27 -12.48
C TYR B 112 -1.99 4.32 -13.49
N VAL B 113 -0.93 5.02 -13.20
CA VAL B 113 -0.47 6.14 -14.00
C VAL B 113 0.96 5.83 -14.38
N SER B 114 1.20 5.48 -15.62
CA SER B 114 2.53 5.07 -15.99
C SER B 114 3.48 6.27 -16.15
N GLU B 115 4.71 5.91 -16.53
CA GLU B 115 5.86 6.78 -16.53
C GLU B 115 5.58 7.97 -17.41
N GLY B 116 6.07 9.14 -17.01
CA GLY B 116 6.03 10.32 -17.84
C GLY B 116 4.66 10.97 -18.05
N LEU B 117 3.68 10.65 -17.21
CA LEU B 117 2.40 11.35 -17.20
C LEU B 117 2.28 12.23 -15.96
N ALA B 118 1.37 13.20 -16.00
CA ALA B 118 1.10 14.06 -14.85
C ALA B 118 -0.17 13.61 -14.18
N HIS B 119 -0.18 13.74 -12.85
CA HIS B 119 -1.22 13.20 -11.98
C HIS B 119 -1.62 14.18 -10.83
N GLY B 120 -2.88 14.17 -10.44
CA GLY B 120 -3.33 14.99 -9.31
C GLY B 120 -4.69 14.51 -8.83
N PHE B 121 -5.11 15.00 -7.66
CA PHE B 121 -6.43 14.68 -7.13
C PHE B 121 -6.97 15.75 -6.22
N LEU B 122 -8.30 15.84 -6.19
CA LEU B 122 -9.05 16.75 -5.34
C LEU B 122 -9.84 15.90 -4.36
N ALA B 123 -9.65 16.11 -3.06
CA ALA B 123 -10.48 15.43 -2.07
C ALA B 123 -11.89 16.02 -2.11
N LEU B 124 -12.90 15.19 -1.92
CA LEU B 124 -14.30 15.59 -1.95
C LEU B 124 -14.97 15.48 -0.57
N GLN B 125 -14.21 15.08 0.42
CA GLN B 125 -14.76 14.72 1.73
C GLN B 125 -13.65 14.91 2.77
N ASP B 126 -14.01 15.22 4.02
CA ASP B 126 -13.06 15.22 5.13
C ASP B 126 -12.51 13.79 5.35
N ASN B 127 -11.29 13.69 5.93
CA ASN B 127 -10.65 12.41 6.21
C ASN B 127 -10.66 11.52 4.98
N SER B 128 -10.21 12.09 3.85
CA SER B 128 -9.92 11.36 2.60
C SER B 128 -8.46 10.92 2.54
N THR B 129 -8.26 9.60 2.69
CA THR B 129 -6.96 8.99 2.69
C THR B 129 -6.61 8.40 1.33
N VAL B 130 -5.50 8.84 0.75
CA VAL B 130 -5.02 8.32 -0.51
C VAL B 130 -3.74 7.57 -0.25
N MET B 131 -3.64 6.36 -0.76
CA MET B 131 -2.40 5.60 -0.62
C MET B 131 -1.90 5.33 -2.00
N TYR B 132 -0.60 5.44 -2.21
CA TYR B 132 -0.11 5.07 -3.55
C TYR B 132 1.27 4.51 -3.66
N LEU B 133 1.38 3.44 -4.43
CA LEU B 133 2.66 2.80 -4.73
C LEU B 133 3.38 3.56 -5.79
N CYS B 134 4.72 3.58 -5.72
CA CYS B 134 5.56 4.32 -6.67
C CYS B 134 6.73 3.47 -7.14
N SER B 135 7.02 3.54 -8.45
CA SER B 135 8.15 2.84 -9.05
C SER B 135 9.55 3.48 -8.80
N ALA B 136 9.57 4.71 -8.35
CA ALA B 136 10.83 5.36 -7.98
C ALA B 136 10.65 6.09 -6.66
N GLU B 137 11.72 6.18 -5.91
CA GLU B 137 11.72 6.97 -4.67
C GLU B 137 11.59 8.42 -5.04
N TYR B 138 11.00 9.19 -4.13
CA TYR B 138 10.81 10.62 -4.35
C TYR B 138 12.15 11.30 -4.60
N ASN B 139 12.21 12.10 -5.64
CA ASN B 139 13.44 12.81 -6.00
C ASN B 139 13.16 14.28 -6.28
N PRO B 140 13.48 15.18 -5.35
CA PRO B 140 13.07 16.60 -5.50
C PRO B 140 13.63 17.21 -6.78
N GLN B 141 14.83 16.77 -7.12
CA GLN B 141 15.60 17.26 -8.27
C GLN B 141 15.01 16.91 -9.65
N ARG B 142 14.23 15.86 -9.72
CA ARG B 142 13.67 15.41 -10.97
C ARG B 142 12.15 15.43 -10.94
N GLU B 143 11.57 15.98 -9.86
CA GLU B 143 10.12 16.14 -9.81
C GLU B 143 9.74 17.57 -10.17
N HIS B 144 8.63 17.70 -10.89
CA HIS B 144 8.19 18.99 -11.39
C HIS B 144 6.68 19.11 -11.23
N THR B 145 6.20 20.31 -11.46
CA THR B 145 4.78 20.60 -11.32
C THR B 145 4.28 21.40 -12.50
N ILE B 146 3.00 21.17 -12.80
CA ILE B 146 2.25 22.00 -13.74
C ILE B 146 1.05 22.45 -12.95
N CYS B 147 0.73 23.73 -13.02
CA CYS B 147 -0.38 24.30 -12.29
C CYS B 147 -1.70 23.58 -12.63
N ALA B 148 -2.42 23.18 -11.58
CA ALA B 148 -3.60 22.32 -11.69
C ALA B 148 -4.75 22.98 -12.46
N THR B 149 -4.80 24.31 -12.46
CA THR B 149 -5.91 25.03 -13.07
C THR B 149 -5.47 25.73 -14.36
N ASP B 150 -4.36 25.24 -14.91
CA ASP B 150 -3.81 25.78 -16.15
C ASP B 150 -4.92 25.92 -17.23
N PRO B 151 -4.97 27.03 -17.93
CA PRO B 151 -6.09 27.23 -18.86
C PRO B 151 -5.95 26.42 -20.16
N THR B 152 -4.77 25.91 -20.47
CA THR B 152 -4.57 25.12 -21.69
C THR B 152 -5.07 23.70 -21.47
N LEU B 153 -4.83 23.18 -20.27
CA LEU B 153 -5.33 21.86 -19.90
C LEU B 153 -6.81 21.94 -19.57
N ALA B 154 -7.24 23.04 -18.92
CA ALA B 154 -8.64 23.27 -18.60
C ALA B 154 -9.28 22.01 -18.03
N VAL B 155 -8.64 21.46 -16.99
CA VAL B 155 -9.20 20.35 -16.23
C VAL B 155 -10.48 20.87 -15.61
N ASP B 156 -11.50 20.02 -15.71
CA ASP B 156 -12.81 20.26 -15.17
C ASP B 156 -12.81 19.72 -13.74
N TRP B 157 -12.18 20.47 -12.85
CA TRP B 157 -12.21 20.15 -11.44
C TRP B 157 -13.60 20.45 -10.92
N PRO B 158 -14.17 19.55 -10.14
CA PRO B 158 -15.36 19.87 -9.37
C PRO B 158 -14.95 20.78 -8.21
N LEU B 159 -15.90 21.48 -7.61
CA LEU B 159 -15.61 22.24 -6.40
C LEU B 159 -16.56 21.77 -5.30
N VAL B 160 -16.11 21.83 -4.05
CA VAL B 160 -16.85 21.26 -2.93
C VAL B 160 -18.14 22.01 -2.63
N ASP B 161 -18.14 22.96 -1.70
CA ASP B 161 -19.39 23.64 -1.41
C ASP B 161 -19.46 24.89 -2.31
N GLY B 162 -19.16 24.69 -3.60
CA GLY B 162 -18.92 25.79 -4.52
C GLY B 162 -17.75 26.64 -4.07
N ALA B 163 -16.85 26.00 -3.33
CA ALA B 163 -15.71 26.65 -2.71
C ALA B 163 -14.48 26.31 -3.52
N ALA B 164 -13.61 27.30 -3.74
CA ALA B 164 -12.36 27.14 -4.49
C ALA B 164 -11.37 26.27 -3.73
N PRO B 165 -10.46 25.61 -4.46
CA PRO B 165 -9.54 24.62 -3.89
C PRO B 165 -8.48 25.14 -2.89
N SER B 166 -8.10 24.29 -1.93
CA SER B 166 -7.02 24.54 -0.99
C SER B 166 -5.79 23.83 -1.51
N LEU B 167 -4.71 24.54 -1.83
CA LEU B 167 -3.46 23.87 -2.26
C LEU B 167 -2.24 24.21 -1.41
N SER B 168 -1.17 23.43 -1.55
CA SER B 168 0.13 23.79 -0.97
C SER B 168 0.74 24.99 -1.68
N ASP B 169 1.75 25.61 -1.06
CA ASP B 169 2.49 26.74 -1.61
C ASP B 169 3.13 26.44 -2.95
N ARG B 170 3.85 25.32 -3.05
CA ARG B 170 4.55 24.96 -4.29
C ARG B 170 3.59 24.63 -5.47
N ASP B 171 2.47 23.99 -5.14
CA ASP B 171 1.42 23.70 -6.13
C ASP B 171 0.78 24.98 -6.64
N ALA B 172 0.55 25.95 -5.74
CA ALA B 172 -0.05 27.25 -6.07
C ALA B 172 0.84 28.13 -6.94
N ALA B 173 2.16 27.97 -6.82
CA ALA B 173 3.10 28.72 -7.62
C ALA B 173 3.64 27.91 -8.82
N ALA B 174 2.95 26.82 -9.16
CA ALA B 174 3.46 25.96 -10.22
C ALA B 174 3.38 26.68 -11.57
N PRO B 175 4.35 26.39 -12.43
CA PRO B 175 4.38 27.01 -13.75
C PRO B 175 3.28 26.45 -14.65
N SER B 176 3.05 27.18 -15.73
CA SER B 176 2.08 26.85 -16.75
C SER B 176 2.71 25.83 -17.70
N PHE B 177 1.77 25.16 -18.39
CA PHE B 177 2.10 24.07 -19.29
C PHE B 177 2.94 24.57 -20.48
N GLU B 178 2.59 25.69 -21.07
CA GLU B 178 3.43 26.23 -22.16
C GLU B 178 4.71 26.89 -21.59
N ASP B 179 4.70 27.30 -20.31
CA ASP B 179 5.98 27.60 -19.54
C ASP B 179 6.87 26.32 -19.31
N VAL B 180 6.27 25.16 -19.08
CA VAL B 180 7.06 23.93 -18.87
C VAL B 180 7.45 23.33 -20.21
N ARG B 181 6.54 23.40 -21.17
CA ARG B 181 6.79 22.88 -22.53
C ARG B 181 8.00 23.59 -23.15
N ALA B 182 7.97 24.91 -23.09
CA ALA B 182 9.02 25.71 -23.72
C ALA B 182 10.37 25.49 -23.01
N SER B 183 10.30 25.18 -21.72
CA SER B 183 11.52 24.96 -20.91
C SER B 183 12.10 23.55 -21.05
N GLY B 184 11.41 22.68 -21.78
CA GLY B 184 12.02 21.49 -22.33
C GLY B 184 11.97 20.32 -21.36
N LEU B 185 11.20 20.48 -20.30
CA LEU B 185 11.12 19.53 -19.21
C LEU B 185 10.04 18.45 -19.36
N LEU B 186 9.25 18.49 -20.42
CA LEU B 186 8.21 17.49 -20.58
C LEU B 186 8.81 16.23 -21.18
N PRO B 187 8.26 15.08 -20.83
CA PRO B 187 8.66 13.83 -21.49
C PRO B 187 8.31 13.83 -22.97
N ARG B 188 9.05 13.06 -23.77
CA ARG B 188 8.65 12.76 -25.12
C ARG B 188 7.90 11.41 -25.20
N TRP B 189 6.84 11.39 -26.02
CA TRP B 189 6.09 10.17 -26.32
C TRP B 189 7.00 9.00 -26.72
N GLU B 190 7.86 9.24 -27.72
CA GLU B 190 8.74 8.20 -28.26
C GLU B 190 9.65 7.57 -27.20
N GLN B 191 10.17 8.40 -26.30
CA GLN B 191 11.16 7.94 -25.33
C GLN B 191 10.55 7.26 -24.12
N THR B 192 9.29 7.58 -23.80
CA THR B 192 8.55 6.91 -22.71
C THR B 192 8.19 5.48 -23.12
N GLN B 193 7.76 5.36 -24.37
CA GLN B 193 7.39 4.09 -24.95
C GLN B 193 8.59 3.17 -25.10
N ARG B 194 9.76 3.73 -25.39
CA ARG B 194 10.99 2.93 -25.48
C ARG B 194 11.41 2.47 -24.09
N PHE B 195 11.24 3.34 -23.08
CA PHE B 195 11.57 2.99 -21.69
C PHE B 195 10.61 1.94 -21.13
N ILE B 196 9.34 2.01 -21.57
CA ILE B 196 8.33 1.03 -21.19
C ILE B 196 8.45 -0.20 -22.09
N GLY B 197 9.09 -0.01 -23.24
CA GLY B 197 9.31 -1.05 -24.23
C GLY B 197 10.24 -2.17 -23.83
N GLU B 198 10.97 -1.77 -22.80
CA GLU B 198 11.56 -2.69 -21.98
C GLU B 198 10.30 -3.33 -21.36
N MET B 199 10.66 -4.50 -20.91
CA MET B 199 9.85 -5.55 -20.30
C MET B 199 10.72 -6.59 -19.63
C ACT C . -2.51 -12.75 7.62
O ACT C . -1.31 -12.37 7.71
OXT ACT C . -2.77 -13.60 6.74
CH3 ACT C . -3.60 -12.26 8.53
C1 GOL D . 9.51 9.46 14.35
O1 GOL D . 10.42 9.47 15.43
C2 GOL D . 9.98 10.54 13.39
O2 GOL D . 11.40 10.55 13.34
C3 GOL D . 9.44 11.90 13.82
O3 GOL D . 8.04 11.83 13.65
C ACT E . 1.29 13.30 -7.01
O ACT E . 2.32 14.00 -6.82
OXT ACT E . 1.38 12.39 -7.88
CH3 ACT E . 0.05 13.58 -6.21
C1 GOL F . -6.94 -6.25 -9.20
O1 GOL F . -7.73 -5.42 -8.39
C2 GOL F . -5.56 -6.50 -8.66
O2 GOL F . -5.61 -6.42 -7.27
C3 GOL F . -4.53 -5.61 -9.35
O3 GOL F . -4.13 -6.24 -10.55
#